data_5E75
#
_entry.id   5E75
#
_cell.length_a   52.800
_cell.length_b   81.410
_cell.length_c   57.680
_cell.angle_alpha   90.000
_cell.angle_beta   107.850
_cell.angle_gamma   90.000
#
_symmetry.space_group_name_H-M   'P 1 21 1'
#
loop_
_entity.id
_entity.type
_entity.pdbx_description
1 polymer 'SusD-like protein BACOVA_02651'
2 non-polymer DI(HYDROXYETHYL)ETHER
3 non-polymer 1,2-ETHANEDIOL
4 non-polymer 2-AMINO-2-HYDROXYMETHYL-PROPANE-1,3-DIOL
5 non-polymer 'MAGNESIUM ION'
6 non-polymer 'CHLORIDE ION'
7 water water
#
_entity_poly.entity_id   1
_entity_poly.type   'polypeptide(L)'
_entity_poly.pdbx_seq_one_letter_code
;DRAPEGNYVDATFYTSDEALEAATAPLYNRAWFDYNQRSIVPIGSGRANDMYSPWNYPQFVTFQVTALDENLSGAWSGFY
SVVTMANSVINAVETQTQGSVSEAAKTKAIAEARLMRACAYFYMLRIWGPVILIEDNQKLVDNPVRPLNREEDVFQFIIN
DLNYAVDNLSEQSDKGRATSWAAKGILAKVYLARSGWNNGGTRDEGDLELARQYASDVCENSGLDLMTNYEDLFKYKNNN
NQESLLAMQWVPLGEWYECNTLLSDLAFSTEVTGGVNCWSSYNGSIDMLQQYELADTLRRNATFFTKGSYYSYICIKDGG
YTYKGTASPIKKGVPGGPDDDNDGKVKQMNSPLNTYILRLADVYLTYAEACLGNNSTLSDGRGLYFFNRVRERAKINKKS
SITLDDIIRERRVEFGMEYSNWYDMVTWFRYLPDKMLNYFNNQWRGYRTDAIIKDEDGKLHFGKYDTDGTTFLEGPEYYT
APEFTINIEAEDIFLPYPESDVIQNPLLNEPPVPYTFNE
;
_entity_poly.pdbx_strand_id   A
#
# COMPACT_ATOMS: atom_id res chain seq x y z
N PHE A 13 27.67 21.03 2.37
CA PHE A 13 27.90 21.83 3.57
C PHE A 13 26.62 22.55 4.00
N TYR A 14 25.82 21.89 4.83
CA TYR A 14 24.55 22.44 5.27
C TYR A 14 24.79 23.35 6.48
N THR A 15 24.40 24.62 6.36
CA THR A 15 24.70 25.61 7.39
C THR A 15 23.44 26.15 8.07
N SER A 16 22.28 25.60 7.71
CA SER A 16 21.04 25.94 8.40
C SER A 16 20.13 24.72 8.46
N ASP A 17 19.19 24.75 9.39
CA ASP A 17 18.20 23.68 9.51
C ASP A 17 17.42 23.54 8.20
N GLU A 18 17.07 24.67 7.57
CA GLU A 18 16.29 24.64 6.34
C GLU A 18 17.07 24.02 5.17
N ALA A 19 18.38 24.24 5.15
CA ALA A 19 19.21 23.66 4.11
C ALA A 19 19.24 22.15 4.27
N LEU A 20 19.33 21.68 5.50
CA LEU A 20 19.35 20.26 5.75
C LEU A 20 18.01 19.65 5.37
N GLU A 21 16.93 20.36 5.65
CA GLU A 21 15.61 19.87 5.28
C GLU A 21 15.44 19.73 3.77
N ALA A 22 16.06 20.62 3.00
CA ALA A 22 16.04 20.50 1.55
C ALA A 22 16.73 19.19 1.11
N ALA A 23 17.74 18.75 1.85
CA ALA A 23 18.42 17.50 1.55
C ALA A 23 17.64 16.23 1.96
N THR A 24 16.72 16.36 2.92
CA THR A 24 15.94 15.21 3.35
C THR A 24 14.61 15.09 2.58
N ALA A 25 14.18 16.18 1.95
CA ALA A 25 12.92 16.16 1.18
C ALA A 25 12.86 15.04 0.15
N PRO A 26 13.97 14.72 -0.54
CA PRO A 26 13.86 13.64 -1.52
C PRO A 26 13.59 12.25 -0.94
N LEU A 27 13.73 12.06 0.37
CA LEU A 27 13.30 10.81 1.00
C LEU A 27 11.82 10.51 0.81
N TYR A 28 11.06 11.55 0.49
CA TYR A 28 9.61 11.42 0.34
C TYR A 28 9.17 11.28 -1.12
N ASN A 29 10.10 11.37 -2.07
CA ASN A 29 9.70 11.27 -3.48
C ASN A 29 10.75 10.56 -4.33
N ARG A 30 11.85 11.25 -4.64
CA ARG A 30 12.90 10.67 -5.46
C ARG A 30 13.33 9.28 -5.00
N ALA A 31 13.46 9.10 -3.69
CA ALA A 31 13.88 7.81 -3.14
C ALA A 31 12.96 6.66 -3.55
N TRP A 32 11.66 6.95 -3.64
CA TRP A 32 10.62 5.94 -3.89
C TRP A 32 10.28 5.79 -5.38
N PHE A 33 10.86 6.64 -6.21
CA PHE A 33 10.42 6.74 -7.60
C PHE A 33 10.48 5.41 -8.37
N ASP A 34 11.56 4.63 -8.22
CA ASP A 34 11.71 3.43 -9.03
C ASP A 34 10.62 2.41 -8.68
N TYR A 35 10.12 2.47 -7.44
CA TYR A 35 9.02 1.59 -7.02
C TYR A 35 7.68 2.14 -7.49
N ASN A 36 7.42 3.40 -7.20
CA ASN A 36 6.15 4.02 -7.57
C ASN A 36 5.91 4.07 -9.06
N GLN A 37 6.97 4.09 -9.86
CA GLN A 37 6.76 4.34 -11.28
C GLN A 37 6.11 3.17 -12.01
N ARG A 38 6.12 2.00 -11.42
CA ARG A 38 5.54 0.83 -12.08
C ARG A 38 5.13 -0.27 -11.13
N SER A 39 6.10 -0.87 -10.43
CA SER A 39 5.90 -2.12 -9.73
C SER A 39 4.94 -2.03 -8.53
N ILE A 40 4.76 -0.85 -7.97
CA ILE A 40 3.85 -0.67 -6.86
C ILE A 40 2.46 -1.23 -7.20
N VAL A 41 2.03 -1.10 -8.45
CA VAL A 41 0.69 -1.51 -8.84
C VAL A 41 0.50 -3.04 -8.85
N PRO A 42 1.33 -3.78 -9.62
CA PRO A 42 1.14 -5.24 -9.61
C PRO A 42 1.53 -5.89 -8.29
N ILE A 43 2.52 -5.38 -7.58
CA ILE A 43 2.93 -6.03 -6.34
C ILE A 43 1.97 -5.72 -5.19
N GLY A 44 1.65 -4.45 -4.98
CA GLY A 44 0.85 -4.08 -3.82
C GLY A 44 -0.63 -4.38 -3.96
N SER A 45 -1.18 -4.15 -5.16
CA SER A 45 -2.61 -4.31 -5.44
C SER A 45 -2.94 -5.52 -6.31
N GLY A 46 -2.22 -5.68 -7.41
CA GLY A 46 -2.50 -6.80 -8.32
C GLY A 46 -2.41 -8.14 -7.61
N ARG A 47 -1.33 -8.33 -6.87
CA ARG A 47 -1.07 -9.62 -6.25
C ARG A 47 -2.09 -9.96 -5.17
N ALA A 48 -2.75 -8.94 -4.61
CA ALA A 48 -3.85 -9.13 -3.67
C ALA A 48 -5.17 -9.45 -4.37
N ASN A 49 -5.16 -9.40 -5.71
CA ASN A 49 -6.39 -9.46 -6.51
C ASN A 49 -7.32 -8.28 -6.27
N ASP A 50 -6.75 -7.10 -6.04
CA ASP A 50 -7.58 -5.89 -6.03
C ASP A 50 -8.17 -5.72 -7.43
N MET A 51 -7.36 -5.97 -8.45
CA MET A 51 -7.73 -5.72 -9.84
C MET A 51 -6.93 -6.66 -10.74
N TYR A 52 -7.35 -6.74 -12.00
CA TYR A 52 -6.74 -7.65 -12.97
C TYR A 52 -6.83 -7.07 -14.37
N SER A 53 -5.77 -7.33 -15.14
CA SER A 53 -5.79 -7.14 -16.59
C SER A 53 -5.14 -8.36 -17.22
N PRO A 54 -5.76 -8.92 -18.27
CA PRO A 54 -5.13 -10.05 -18.94
C PRO A 54 -3.84 -9.68 -19.68
N TRP A 55 -3.61 -8.39 -19.88
CA TRP A 55 -2.44 -7.94 -20.66
C TRP A 55 -1.37 -7.24 -19.83
N ASN A 56 -1.75 -6.71 -18.67
CA ASN A 56 -0.79 -5.99 -17.84
C ASN A 56 -0.54 -6.72 -16.53
N TYR A 57 0.59 -7.43 -16.51
CA TYR A 57 1.10 -8.15 -15.34
C TYR A 57 0.13 -9.14 -14.71
N PRO A 58 -0.60 -9.92 -15.52
CA PRO A 58 -1.56 -10.86 -14.92
C PRO A 58 -0.86 -11.91 -14.05
N GLN A 59 0.41 -12.17 -14.37
CA GLN A 59 1.15 -13.21 -13.64
C GLN A 59 1.26 -12.91 -12.14
N PHE A 60 1.21 -11.64 -11.76
CA PHE A 60 1.24 -11.30 -10.34
C PHE A 60 -0.03 -11.74 -9.63
N VAL A 61 -1.15 -11.71 -10.35
CA VAL A 61 -2.44 -12.11 -9.81
C VAL A 61 -2.58 -13.63 -9.79
N THR A 62 -2.05 -14.29 -10.80
CA THR A 62 -2.25 -15.74 -10.95
C THR A 62 -1.08 -16.58 -10.43
N PHE A 63 -0.08 -15.93 -9.83
CA PHE A 63 1.07 -16.60 -9.23
C PHE A 63 1.92 -17.34 -10.26
N GLN A 64 2.26 -16.64 -11.34
CA GLN A 64 3.13 -17.20 -12.37
C GLN A 64 4.28 -16.25 -12.73
N VAL A 65 4.75 -15.50 -11.74
CA VAL A 65 5.85 -14.56 -11.95
C VAL A 65 7.18 -15.29 -12.14
N THR A 66 7.98 -14.83 -13.10
CA THR A 66 9.32 -15.36 -13.30
C THR A 66 10.36 -14.39 -12.76
N ALA A 67 11.56 -14.91 -12.52
CA ALA A 67 12.64 -14.10 -11.96
C ALA A 67 13.09 -12.97 -12.86
N LEU A 68 12.77 -13.04 -14.16
CA LEU A 68 13.15 -11.98 -15.11
C LEU A 68 12.21 -10.77 -15.11
N ASP A 69 11.10 -10.87 -14.39
CA ASP A 69 10.08 -9.83 -14.43
C ASP A 69 10.63 -8.45 -14.04
N GLU A 70 10.36 -7.46 -14.88
CA GLU A 70 10.88 -6.10 -14.68
C GLU A 70 10.34 -5.46 -13.40
N ASN A 71 9.17 -5.90 -12.94
CA ASN A 71 8.64 -5.36 -11.71
C ASN A 71 9.47 -5.77 -10.49
N LEU A 72 10.08 -6.95 -10.54
CA LEU A 72 10.91 -7.39 -9.43
C LEU A 72 12.18 -6.56 -9.35
N SER A 73 12.84 -6.35 -10.49
CA SER A 73 14.07 -5.58 -10.50
C SER A 73 13.78 -4.12 -10.17
N GLY A 74 12.68 -3.58 -10.68
CA GLY A 74 12.31 -2.21 -10.38
C GLY A 74 12.00 -2.02 -8.91
N ALA A 75 11.23 -2.93 -8.33
CA ALA A 75 10.88 -2.81 -6.91
C ALA A 75 12.12 -2.92 -6.02
N TRP A 76 12.95 -3.90 -6.33
CA TRP A 76 14.22 -4.14 -5.60
C TRP A 76 15.07 -2.88 -5.67
N SER A 77 15.22 -2.33 -6.87
CA SER A 77 15.95 -1.07 -7.04
C SER A 77 15.36 0.07 -6.24
N GLY A 78 14.03 0.22 -6.29
CA GLY A 78 13.36 1.28 -5.57
C GLY A 78 13.52 1.21 -4.07
N PHE A 79 13.27 0.03 -3.49
CA PHE A 79 13.38 -0.09 -2.06
C PHE A 79 14.83 0.12 -1.64
N TYR A 80 15.79 -0.44 -2.39
CA TYR A 80 17.19 -0.20 -2.04
C TYR A 80 17.62 1.25 -2.29
N SER A 81 16.94 1.96 -3.18
CA SER A 81 17.19 3.39 -3.33
C SER A 81 16.77 4.16 -2.08
N VAL A 82 15.65 3.76 -1.47
CA VAL A 82 15.25 4.35 -0.20
C VAL A 82 16.31 4.07 0.88
N VAL A 83 16.74 2.81 0.98
CA VAL A 83 17.70 2.43 1.99
C VAL A 83 19.00 3.21 1.80
N THR A 84 19.53 3.24 0.59
CA THR A 84 20.82 3.90 0.39
C THR A 84 20.69 5.42 0.51
N MET A 85 19.58 6.01 0.07
CA MET A 85 19.39 7.45 0.35
C MET A 85 19.32 7.76 1.85
N ALA A 86 18.60 6.93 2.59
CA ALA A 86 18.52 7.07 4.05
C ALA A 86 19.93 7.04 4.64
N ASN A 87 20.72 6.05 4.20
CA ASN A 87 22.09 5.93 4.70
C ASN A 87 22.94 7.17 4.37
N SER A 88 22.74 7.70 3.18
CA SER A 88 23.46 8.91 2.77
C SER A 88 23.06 10.11 3.62
N VAL A 89 21.78 10.26 3.89
CA VAL A 89 21.31 11.33 4.78
C VAL A 89 21.92 11.21 6.17
N ILE A 90 21.92 10.01 6.75
CA ILE A 90 22.48 9.81 8.07
C ILE A 90 23.96 10.21 8.06
N ASN A 91 24.67 9.81 7.01
CA ASN A 91 26.09 10.18 6.87
C ASN A 91 26.26 11.69 6.73
N ALA A 92 25.41 12.32 5.93
CA ALA A 92 25.51 13.77 5.72
C ALA A 92 25.28 14.56 6.99
N VAL A 93 24.38 14.08 7.85
CA VAL A 93 24.12 14.74 9.12
C VAL A 93 25.40 14.76 9.95
N GLU A 94 26.15 13.66 9.85
CA GLU A 94 27.34 13.47 10.66
C GLU A 94 28.60 14.06 10.03
N THR A 95 28.60 14.33 8.73
CA THR A 95 29.81 14.84 8.03
C THR A 95 29.65 16.17 7.28
N GLN A 96 28.43 16.60 7.02
CA GLN A 96 28.20 17.75 6.14
C GLN A 96 27.41 18.87 6.80
N THR A 97 27.29 18.84 8.12
CA THR A 97 26.61 19.91 8.83
C THR A 97 27.61 20.78 9.58
N GLN A 98 27.43 22.10 9.48
CA GLN A 98 28.35 23.07 10.04
C GLN A 98 27.59 24.22 10.66
N SER A 100 25.89 25.76 13.14
CA SER A 100 24.63 26.51 13.06
C SER A 100 23.39 25.63 12.85
N VAL A 101 23.60 24.35 12.51
CA VAL A 101 22.50 23.40 12.41
C VAL A 101 22.17 22.84 13.81
N SER A 102 20.89 22.87 14.19
CA SER A 102 20.47 22.48 15.53
C SER A 102 20.41 20.97 15.72
N GLU A 103 20.54 20.53 16.97
CA GLU A 103 20.41 19.13 17.30
C GLU A 103 18.99 18.63 16.99
N ALA A 104 17.98 19.47 17.19
CA ALA A 104 16.62 19.12 16.81
C ALA A 104 16.55 18.75 15.34
N ALA A 105 17.18 19.55 14.49
CA ALA A 105 17.12 19.30 13.06
C ALA A 105 17.94 18.07 12.68
N LYS A 106 19.07 17.86 13.32
CA LYS A 106 19.92 16.73 12.98
C LYS A 106 19.22 15.41 13.32
N THR A 107 18.64 15.34 14.50
CA THR A 107 17.94 14.14 14.93
C THR A 107 16.64 13.93 14.16
N LYS A 108 15.96 15.00 13.78
CA LYS A 108 14.79 14.89 12.93
C LYS A 108 15.17 14.29 11.57
N ALA A 109 16.29 14.74 11.01
CA ALA A 109 16.72 14.23 9.71
C ALA A 109 17.09 12.75 9.79
N ILE A 110 17.83 12.36 10.82
CA ILE A 110 18.15 10.96 11.03
C ILE A 110 16.88 10.16 11.22
N ALA A 111 15.94 10.71 11.98
CA ALA A 111 14.67 10.01 12.23
C ALA A 111 13.86 9.81 10.96
N GLU A 112 13.80 10.81 10.09
CA GLU A 112 13.08 10.66 8.83
C GLU A 112 13.76 9.61 7.96
N ALA A 113 15.08 9.63 7.90
CA ALA A 113 15.84 8.65 7.15
C ALA A 113 15.54 7.24 7.68
N ARG A 114 15.62 7.06 9.00
CA ARG A 114 15.42 5.74 9.57
C ARG A 114 13.97 5.28 9.44
N LEU A 115 13.01 6.20 9.50
CA LEU A 115 11.61 5.85 9.24
C LEU A 115 11.43 5.31 7.84
N MET A 116 12.02 5.98 6.86
CA MET A 116 11.88 5.55 5.48
C MET A 116 12.60 4.23 5.25
N ARG A 117 13.77 4.07 5.83
CA ARG A 117 14.51 2.82 5.72
C ARG A 117 13.69 1.66 6.31
N ALA A 118 13.04 1.91 7.43
CA ALA A 118 12.18 0.92 8.06
C ALA A 118 11.02 0.55 7.15
N CYS A 119 10.37 1.55 6.57
CA CYS A 119 9.29 1.26 5.66
C CYS A 119 9.73 0.44 4.46
N ALA A 120 10.85 0.78 3.86
CA ALA A 120 11.36 0.03 2.73
C ALA A 120 11.62 -1.42 3.10
N TYR A 121 12.30 -1.65 4.22
CA TYR A 121 12.58 -3.01 4.65
C TYR A 121 11.30 -3.76 5.01
N PHE A 122 10.31 -3.08 5.57
CA PHE A 122 9.05 -3.75 5.92
C PHE A 122 8.29 -4.17 4.68
N TYR A 123 8.31 -3.36 3.62
CA TYR A 123 7.76 -3.83 2.34
C TYR A 123 8.54 -5.04 1.83
N MET A 124 9.87 -4.94 1.80
CA MET A 124 10.68 -6.03 1.25
C MET A 124 10.49 -7.35 2.00
N LEU A 125 10.32 -7.25 3.31
CA LEU A 125 10.12 -8.42 4.17
C LEU A 125 8.86 -9.20 3.75
N ARG A 126 7.87 -8.49 3.22
CA ARG A 126 6.60 -9.08 2.83
C ARG A 126 6.49 -9.22 1.29
N ILE A 127 7.64 -9.23 0.59
CA ILE A 127 7.77 -9.56 -0.84
C ILE A 127 8.75 -10.72 -1.02
N TRP A 128 9.97 -10.54 -0.52
CA TRP A 128 11.04 -11.54 -0.64
C TRP A 128 11.32 -12.32 0.66
N GLY A 129 11.03 -11.71 1.81
CA GLY A 129 11.38 -12.32 3.09
C GLY A 129 12.79 -11.89 3.48
N PRO A 130 13.76 -12.83 3.48
CA PRO A 130 15.14 -12.42 3.73
C PRO A 130 15.60 -11.39 2.71
N VAL A 131 16.31 -10.38 3.17
CA VAL A 131 16.93 -9.39 2.29
C VAL A 131 18.26 -8.96 2.92
N ILE A 132 19.06 -8.18 2.21
CA ILE A 132 20.35 -7.73 2.73
C ILE A 132 20.17 -6.45 3.54
N LEU A 133 20.52 -6.50 4.82
CA LEU A 133 20.48 -5.33 5.70
C LEU A 133 21.75 -4.51 5.54
N ILE A 134 21.57 -3.21 5.33
CA ILE A 134 22.68 -2.31 5.00
C ILE A 134 22.56 -1.00 5.76
N GLU A 135 23.57 -0.69 6.58
CA GLU A 135 23.67 0.62 7.22
C GLU A 135 24.82 1.46 6.66
N ASP A 136 25.78 0.81 6.00
CA ASP A 136 26.98 1.47 5.47
C ASP A 136 27.03 1.27 3.97
N ASN A 137 26.68 2.31 3.23
CA ASN A 137 26.71 2.24 1.76
C ASN A 137 28.08 1.86 1.22
N GLN A 138 29.15 2.27 1.92
CA GLN A 138 30.49 1.99 1.42
C GLN A 138 30.81 0.51 1.43
N LYS A 139 30.27 -0.22 2.40
CA LYS A 139 30.47 -1.66 2.43
C LYS A 139 29.92 -2.31 1.18
N LEU A 140 28.77 -1.81 0.70
CA LEU A 140 28.14 -2.32 -0.51
C LEU A 140 28.95 -2.02 -1.76
N VAL A 141 29.58 -0.85 -1.77
CA VAL A 141 30.37 -0.45 -2.91
C VAL A 141 31.63 -1.31 -2.98
N ASP A 142 32.26 -1.52 -1.84
CA ASP A 142 33.52 -2.28 -1.78
C ASP A 142 33.32 -3.76 -2.07
N ASN A 143 32.21 -4.34 -1.60
CA ASN A 143 31.91 -5.71 -2.01
C ASN A 143 30.42 -5.93 -2.07
N PRO A 144 29.87 -5.91 -3.30
CA PRO A 144 28.43 -6.08 -3.48
C PRO A 144 28.00 -7.52 -3.28
N VAL A 145 28.93 -8.46 -3.21
CA VAL A 145 28.57 -9.88 -2.99
C VAL A 145 28.44 -10.13 -1.49
N ARG A 146 27.23 -9.90 -0.99
CA ARG A 146 26.92 -9.92 0.43
C ARG A 146 25.73 -10.84 0.69
N PRO A 147 25.71 -11.51 1.86
CA PRO A 147 24.64 -12.46 2.11
C PRO A 147 23.33 -11.81 2.53
N LEU A 148 22.25 -12.55 2.31
CA LEU A 148 20.95 -12.24 2.87
C LEU A 148 20.99 -12.35 4.39
N ASN A 149 20.14 -11.59 5.05
CA ASN A 149 19.90 -11.75 6.48
C ASN A 149 18.54 -12.35 6.76
N ARG A 150 18.38 -12.96 7.92
CA ARG A 150 17.16 -13.73 8.22
C ARG A 150 15.96 -12.84 8.43
N GLU A 151 14.77 -13.37 8.19
CA GLU A 151 13.55 -12.64 8.44
C GLU A 151 13.52 -12.04 9.87
N GLU A 152 13.95 -12.78 10.89
CA GLU A 152 13.94 -12.21 12.24
C GLU A 152 14.88 -11.02 12.37
N ASP A 153 16.04 -11.07 11.71
CA ASP A 153 16.97 -9.94 11.71
C ASP A 153 16.31 -8.71 11.09
N VAL A 154 15.61 -8.92 9.99
CA VAL A 154 14.97 -7.83 9.25
C VAL A 154 13.93 -7.18 10.16
N PHE A 155 13.12 -7.99 10.85
CA PHE A 155 12.18 -7.43 11.80
C PHE A 155 12.87 -6.58 12.87
N GLN A 156 13.95 -7.08 13.46
CA GLN A 156 14.61 -6.33 14.51
C GLN A 156 15.22 -5.02 13.98
N PHE A 157 15.74 -5.04 12.75
CA PHE A 157 16.34 -3.86 12.14
C PHE A 157 15.26 -2.79 11.95
N ILE A 158 14.10 -3.22 11.44
CA ILE A 158 12.95 -2.33 11.26
C ILE A 158 12.51 -1.72 12.60
N ILE A 159 12.39 -2.57 13.62
CA ILE A 159 12.00 -2.11 14.95
C ILE A 159 12.99 -1.07 15.51
N ASN A 160 14.28 -1.33 15.34
CA ASN A 160 15.28 -0.41 15.85
C ASN A 160 15.17 0.96 15.18
N ASP A 161 14.97 0.95 13.86
CA ASP A 161 14.81 2.18 13.11
C ASP A 161 13.56 2.94 13.56
N LEU A 162 12.45 2.22 13.71
CA LEU A 162 11.22 2.85 14.16
C LEU A 162 11.32 3.40 15.59
N ASN A 163 12.03 2.69 16.46
CA ASN A 163 12.23 3.18 17.83
C ASN A 163 12.91 4.54 17.80
N TYR A 164 13.94 4.68 16.99
CA TYR A 164 14.63 5.96 16.90
C TYR A 164 13.68 7.03 16.40
N ALA A 165 12.87 6.71 15.39
CA ALA A 165 11.96 7.70 14.84
C ALA A 165 10.86 8.09 15.83
N VAL A 166 10.35 7.11 16.59
CA VAL A 166 9.37 7.43 17.63
C VAL A 166 9.97 8.44 18.61
N ASP A 167 11.21 8.23 19.01
CA ASP A 167 11.86 9.07 20.01
C ASP A 167 12.33 10.43 19.50
N ASN A 168 12.52 10.57 18.19
CA ASN A 168 13.15 11.78 17.67
C ASN A 168 12.37 12.58 16.64
N LEU A 169 11.18 12.13 16.28
CA LEU A 169 10.26 12.96 15.51
C LEU A 169 9.36 13.68 16.50
N SER A 170 8.81 14.81 16.09
CA SER A 170 7.88 15.55 16.93
C SER A 170 6.45 15.13 16.66
N GLU A 171 5.55 15.46 17.58
CA GLU A 171 4.13 15.17 17.41
C GLU A 171 3.50 15.97 16.30
N GLN A 172 4.07 17.13 16.02
CA GLN A 172 3.62 17.97 14.91
C GLN A 172 4.78 18.17 13.93
N SER A 173 4.46 18.44 12.67
CA SER A 173 5.44 18.61 11.64
C SER A 173 4.92 19.55 10.57
N ASP A 174 5.79 19.94 9.67
CA ASP A 174 5.39 20.64 8.46
C ASP A 174 4.45 19.73 7.69
N LYS A 175 3.47 20.31 7.00
CA LYS A 175 2.58 19.51 6.19
C LYS A 175 3.35 18.68 5.17
N GLY A 176 3.11 17.36 5.17
CA GLY A 176 3.83 16.45 4.29
C GLY A 176 4.98 15.71 4.93
N ARG A 177 5.41 16.16 6.11
CA ARG A 177 6.51 15.53 6.83
C ARG A 177 6.01 14.60 7.92
N ALA A 178 6.84 13.61 8.25
CA ALA A 178 6.48 12.61 9.24
C ALA A 178 6.45 13.15 10.65
N THR A 179 5.52 12.64 11.44
CA THR A 179 5.48 12.87 12.88
C THR A 179 5.77 11.58 13.63
N SER A 180 5.94 11.68 14.94
CA SER A 180 6.09 10.50 15.76
C SER A 180 4.83 9.61 15.74
N TRP A 181 3.65 10.18 15.46
CA TRP A 181 2.45 9.37 15.33
C TRP A 181 2.56 8.40 14.15
N ALA A 182 3.15 8.85 13.04
CA ALA A 182 3.38 7.97 11.91
C ALA A 182 4.31 6.82 12.29
N ALA A 183 5.40 7.13 12.99
CA ALA A 183 6.34 6.10 13.41
C ALA A 183 5.68 5.10 14.37
N LYS A 184 4.88 5.59 15.30
CA LYS A 184 4.18 4.70 16.22
C LYS A 184 3.17 3.81 15.47
N GLY A 185 2.48 4.37 14.49
CA GLY A 185 1.53 3.60 13.70
C GLY A 185 2.17 2.48 12.90
N ILE A 186 3.29 2.78 12.25
CA ILE A 186 4.03 1.74 11.53
C ILE A 186 4.55 0.68 12.50
N LEU A 187 5.07 1.12 13.64
CA LEU A 187 5.60 0.19 14.62
C LEU A 187 4.52 -0.76 15.16
N ALA A 188 3.30 -0.25 15.35
CA ALA A 188 2.19 -1.10 15.74
C ALA A 188 1.94 -2.17 14.68
N LYS A 189 1.97 -1.78 13.41
CA LYS A 189 1.78 -2.72 12.30
C LYS A 189 2.88 -3.78 12.28
N VAL A 190 4.10 -3.36 12.55
CA VAL A 190 5.25 -4.27 12.55
C VAL A 190 5.14 -5.31 13.68
N TYR A 191 4.83 -4.85 14.89
CA TYR A 191 4.66 -5.78 16.00
C TYR A 191 3.50 -6.75 15.74
N LEU A 192 2.38 -6.25 15.20
CA LEU A 192 1.28 -7.14 14.87
C LEU A 192 1.71 -8.17 13.83
N ALA A 193 2.45 -7.72 12.80
CA ALA A 193 2.92 -8.63 11.77
C ALA A 193 3.88 -9.67 12.33
N ARG A 194 4.76 -9.27 13.25
CA ARG A 194 5.70 -10.22 13.83
C ARG A 194 5.03 -11.24 14.75
N SER A 195 3.94 -10.82 15.40
CA SER A 195 3.36 -11.61 16.49
C SER A 195 3.10 -13.05 16.07
N GLY A 196 2.55 -13.26 14.88
CA GLY A 196 2.21 -14.59 14.41
C GLY A 196 3.16 -15.18 13.38
N TRP A 197 4.23 -14.46 13.08
CA TRP A 197 5.06 -14.78 11.91
C TRP A 197 5.87 -16.04 12.13
N ASN A 198 5.55 -17.09 11.38
CA ASN A 198 6.19 -18.40 11.55
C ASN A 198 6.09 -18.89 13.00
N ASN A 199 4.96 -18.63 13.65
CA ASN A 199 4.82 -18.91 15.08
C ASN A 199 3.78 -20.00 15.41
N GLY A 200 3.58 -20.92 14.48
CA GLY A 200 2.80 -22.12 14.75
C GLY A 200 1.31 -21.93 14.91
N GLY A 201 0.78 -20.81 14.42
CA GLY A 201 -0.65 -20.59 14.42
C GLY A 201 -1.19 -19.81 15.61
N THR A 202 -0.30 -19.23 16.40
CA THR A 202 -0.69 -18.33 17.48
C THR A 202 0.12 -17.04 17.39
N ARG A 203 -0.43 -15.98 17.97
CA ARG A 203 0.22 -14.68 17.99
C ARG A 203 0.83 -14.40 19.37
N ASP A 204 2.12 -14.07 19.36
CA ASP A 204 2.86 -13.79 20.58
C ASP A 204 2.18 -12.70 21.39
N GLU A 205 1.92 -12.97 22.66
CA GLU A 205 1.18 -12.03 23.47
C GLU A 205 1.99 -10.77 23.79
N GLY A 206 3.31 -10.89 23.86
CA GLY A 206 4.15 -9.74 24.04
C GLY A 206 4.07 -8.76 22.87
N ASP A 207 4.18 -9.30 21.66
CA ASP A 207 4.06 -8.47 20.48
C ASP A 207 2.66 -7.89 20.34
N LEU A 208 1.62 -8.67 20.68
CA LEU A 208 0.25 -8.16 20.66
C LEU A 208 0.10 -6.98 21.60
N GLU A 209 0.68 -7.10 22.80
CA GLU A 209 0.59 -6.04 23.78
C GLU A 209 1.28 -4.78 23.25
N LEU A 210 2.47 -4.92 22.70
CA LEU A 210 3.17 -3.78 22.13
C LEU A 210 2.40 -3.14 20.96
N ALA A 211 1.83 -3.95 20.06
CA ALA A 211 1.01 -3.42 18.98
C ALA A 211 -0.17 -2.61 19.54
N ARG A 212 -0.81 -3.14 20.57
CA ARG A 212 -1.92 -2.41 21.21
C ARG A 212 -1.44 -1.11 21.84
N GLN A 213 -0.31 -1.14 22.51
CA GLN A 213 0.18 0.06 23.16
C GLN A 213 0.48 1.17 22.15
N TYR A 214 1.19 0.84 21.06
CA TYR A 214 1.50 1.85 20.07
C TYR A 214 0.26 2.31 19.30
N ALA A 215 -0.59 1.36 18.89
CA ALA A 215 -1.76 1.75 18.12
C ALA A 215 -2.74 2.55 18.98
N SER A 216 -2.95 2.14 20.24
CA SER A 216 -3.89 2.84 21.10
C SER A 216 -3.42 4.27 21.36
N ASP A 217 -2.12 4.46 21.51
CA ASP A 217 -1.57 5.79 21.72
C ASP A 217 -1.96 6.71 20.53
N VAL A 218 -1.73 6.22 19.31
CA VAL A 218 -2.12 7.00 18.13
C VAL A 218 -3.62 7.27 18.08
N CYS A 219 -4.41 6.21 18.25
CA CYS A 219 -5.86 6.34 18.14
C CYS A 219 -6.44 7.27 19.18
N GLU A 220 -6.02 7.09 20.44
CA GLU A 220 -6.59 7.84 21.55
C GLU A 220 -6.01 9.23 21.77
N ASN A 221 -4.71 9.42 21.47
CA ASN A 221 -3.99 10.60 21.95
C ASN A 221 -3.47 11.55 20.88
N SER A 222 -3.50 11.14 19.61
CA SER A 222 -2.94 11.97 18.55
C SER A 222 -3.70 13.25 18.26
N GLY A 223 -5.00 13.26 18.55
CA GLY A 223 -5.84 14.40 18.22
C GLY A 223 -6.24 14.41 16.76
N LEU A 224 -5.87 13.34 16.03
CA LEU A 224 -6.20 13.22 14.62
C LEU A 224 -7.49 12.45 14.47
N ASP A 225 -8.21 12.72 13.39
CA ASP A 225 -9.43 11.97 13.12
C ASP A 225 -9.48 11.55 11.66
N LEU A 226 -10.34 10.60 11.37
CA LEU A 226 -10.63 10.23 9.99
C LEU A 226 -11.31 11.37 9.24
N MET A 227 -10.97 11.57 7.98
CA MET A 227 -11.73 12.49 7.14
C MET A 227 -13.21 12.06 7.14
N THR A 228 -14.11 13.05 7.16
CA THR A 228 -15.55 12.76 7.20
C THR A 228 -16.01 11.95 5.99
N ASN A 229 -15.49 12.30 4.82
CA ASN A 229 -15.89 11.64 3.57
C ASN A 229 -14.73 10.86 2.99
N TYR A 230 -14.90 9.55 2.87
CA TYR A 230 -13.87 8.70 2.32
C TYR A 230 -13.36 9.21 0.97
N GLU A 231 -14.26 9.68 0.11
CA GLU A 231 -13.85 10.12 -1.22
C GLU A 231 -12.85 11.27 -1.18
N ASP A 232 -12.90 12.07 -0.11
CA ASP A 232 -12.03 13.23 0.00
C ASP A 232 -10.56 12.85 0.16
N LEU A 233 -10.28 11.64 0.64
CA LEU A 233 -8.91 11.20 0.84
C LEU A 233 -8.13 11.11 -0.47
N PHE A 234 -8.85 10.99 -1.58
CA PHE A 234 -8.24 10.66 -2.86
C PHE A 234 -8.41 11.77 -3.88
N LYS A 235 -8.44 13.01 -3.35
CA LYS A 235 -8.46 14.22 -4.15
C LYS A 235 -7.20 15.02 -3.82
N TYR A 236 -6.60 15.59 -4.84
CA TYR A 236 -5.33 16.31 -4.70
C TYR A 236 -5.40 17.49 -3.72
N LYS A 237 -6.53 18.19 -3.66
CA LYS A 237 -6.66 19.32 -2.75
C LYS A 237 -6.55 18.88 -1.31
N ASN A 238 -6.73 17.59 -1.04
CA ASN A 238 -6.64 17.06 0.33
C ASN A 238 -5.39 16.23 0.55
N ASN A 239 -4.38 16.36 -0.32
CA ASN A 239 -3.08 15.79 -0.01
C ASN A 239 -2.69 16.28 1.39
N ASN A 240 -2.13 15.40 2.20
CA ASN A 240 -1.63 15.74 3.54
C ASN A 240 -2.73 16.19 4.49
N ASN A 241 -3.91 15.67 4.28
CA ASN A 241 -5.00 15.81 5.22
C ASN A 241 -4.64 15.16 6.56
N GLN A 242 -5.47 15.38 7.58
CA GLN A 242 -5.12 14.93 8.92
C GLN A 242 -5.02 13.41 9.07
N GLU A 243 -5.70 12.67 8.19
CA GLU A 243 -5.67 11.21 8.20
C GLU A 243 -4.38 10.66 7.54
N SER A 244 -3.69 11.51 6.78
CA SER A 244 -2.48 11.10 6.09
C SER A 244 -1.30 11.15 7.05
N LEU A 245 -0.92 10.00 7.62
CA LEU A 245 0.19 9.95 8.56
C LEU A 245 1.53 9.95 7.83
N LEU A 246 1.61 9.27 6.69
CA LEU A 246 2.83 9.21 5.90
C LEU A 246 2.46 8.96 4.45
N ALA A 247 3.05 9.72 3.55
CA ALA A 247 2.78 9.57 2.12
C ALA A 247 3.98 10.03 1.33
N MET A 248 4.13 9.44 0.14
CA MET A 248 5.07 9.94 -0.85
C MET A 248 4.55 11.26 -1.40
N GLN A 249 5.44 12.23 -1.42
CA GLN A 249 5.12 13.63 -1.66
C GLN A 249 5.52 14.04 -3.07
N TRP A 250 4.64 13.81 -4.03
CA TRP A 250 4.99 14.05 -5.42
C TRP A 250 4.93 15.53 -5.79
N VAL A 251 5.73 15.90 -6.79
CA VAL A 251 5.90 17.28 -7.22
C VAL A 251 5.59 17.35 -8.72
N PRO A 252 4.31 17.47 -9.07
CA PRO A 252 3.90 17.41 -10.48
C PRO A 252 4.55 18.45 -11.39
N LEU A 253 4.89 19.62 -10.86
CA LEU A 253 5.57 20.65 -11.65
C LEU A 253 7.08 20.64 -11.44
N GLY A 254 7.61 19.54 -10.89
CA GLY A 254 9.04 19.41 -10.63
C GLY A 254 9.75 18.48 -11.61
N GLU A 255 10.87 17.90 -11.17
CA GLU A 255 11.68 17.04 -12.05
C GLU A 255 11.01 15.70 -12.30
N TRP A 256 11.45 14.99 -13.34
CA TRP A 256 10.85 13.72 -13.72
C TRP A 256 10.86 12.71 -12.56
N TYR A 257 11.96 12.67 -11.80
CA TYR A 257 12.08 11.71 -10.69
C TYR A 257 11.31 12.13 -9.44
N GLU A 258 10.59 13.25 -9.53
CA GLU A 258 9.77 13.78 -8.45
C GLU A 258 8.28 13.67 -8.75
N CYS A 259 7.92 13.05 -9.86
CA CYS A 259 6.51 12.96 -10.26
CA CYS A 259 6.51 12.98 -10.23
C CYS A 259 5.92 11.59 -10.03
N ASN A 260 4.60 11.59 -9.83
CA ASN A 260 3.80 10.39 -9.73
C ASN A 260 3.43 9.97 -11.15
N THR A 261 4.13 8.97 -11.69
CA THR A 261 3.98 8.65 -13.11
C THR A 261 2.88 7.63 -13.43
N LEU A 262 2.02 7.32 -12.48
CA LEU A 262 1.04 6.24 -12.63
C LEU A 262 -0.23 6.62 -13.37
N LEU A 263 -0.47 7.90 -13.63
CA LEU A 263 -1.77 8.40 -14.12
C LEU A 263 -2.28 7.60 -15.31
N SER A 264 -1.43 7.44 -16.32
CA SER A 264 -1.84 6.86 -17.58
C SER A 264 -2.04 5.35 -17.50
N ASP A 265 -1.37 4.69 -16.56
CA ASP A 265 -1.50 3.26 -16.38
C ASP A 265 -2.73 2.88 -15.54
N LEU A 266 -3.28 3.84 -14.83
CA LEU A 266 -4.47 3.62 -14.00
C LEU A 266 -5.76 4.05 -14.71
N ALA A 267 -5.70 5.14 -15.45
CA ALA A 267 -6.89 5.71 -16.10
C ALA A 267 -7.26 4.96 -17.38
N PHE A 268 -8.53 4.57 -17.49
CA PHE A 268 -9.00 3.70 -18.57
C PHE A 268 -9.40 4.45 -19.84
N SER A 269 -9.67 5.74 -19.71
CA SER A 269 -10.20 6.52 -20.82
C SER A 269 -9.96 8.01 -20.65
N THR A 270 -9.72 8.69 -21.75
CA THR A 270 -9.56 10.14 -21.73
C THR A 270 -10.81 10.85 -21.22
N GLU A 271 -11.94 10.16 -21.17
CA GLU A 271 -13.16 10.77 -20.67
C GLU A 271 -13.07 11.10 -19.17
N VAL A 272 -12.12 10.49 -18.45
CA VAL A 272 -11.91 10.79 -17.03
C VAL A 272 -10.54 11.39 -16.74
N THR A 273 -9.87 11.88 -17.78
CA THR A 273 -8.59 12.57 -17.62
C THR A 273 -8.57 13.93 -18.33
N GLY A 274 -9.73 14.42 -18.74
CA GLY A 274 -9.79 15.70 -19.43
C GLY A 274 -9.05 15.70 -20.75
N GLY A 275 -8.94 14.52 -21.37
CA GLY A 275 -8.27 14.40 -22.66
C GLY A 275 -6.82 13.98 -22.59
N VAL A 276 -6.26 13.89 -21.38
CA VAL A 276 -4.88 13.47 -21.21
C VAL A 276 -4.71 11.97 -21.57
N ASN A 277 -3.65 11.64 -22.30
CA ASN A 277 -3.44 10.28 -22.79
C ASN A 277 -3.36 9.28 -21.65
N CYS A 278 -3.98 8.11 -21.85
CA CYS A 278 -3.98 7.05 -20.85
C CYS A 278 -4.28 5.73 -21.55
N TRP A 279 -4.11 4.61 -20.88
CA TRP A 279 -4.19 3.31 -21.55
C TRP A 279 -4.46 2.12 -20.61
N SER A 280 -5.09 2.37 -19.47
CA SER A 280 -5.29 1.27 -18.51
C SER A 280 -6.29 0.26 -19.01
N SER A 281 -5.95 -1.02 -18.83
CA SER A 281 -6.92 -2.10 -19.02
C SER A 281 -7.21 -2.85 -17.70
N TYR A 282 -6.80 -2.28 -16.58
CA TYR A 282 -7.16 -2.86 -15.28
C TYR A 282 -8.65 -2.74 -15.00
N ASN A 283 -9.21 -3.79 -14.41
CA ASN A 283 -10.54 -3.72 -13.84
C ASN A 283 -10.55 -4.34 -12.45
N GLY A 284 -11.32 -3.76 -11.52
CA GLY A 284 -11.52 -4.36 -10.21
C GLY A 284 -11.96 -5.80 -10.40
N SER A 285 -11.39 -6.72 -9.62
CA SER A 285 -11.67 -8.13 -9.82
C SER A 285 -13.07 -8.47 -9.34
N ILE A 286 -13.60 -9.58 -9.85
CA ILE A 286 -14.89 -10.05 -9.40
C ILE A 286 -14.86 -10.25 -7.87
N ASP A 287 -13.82 -10.93 -7.39
CA ASP A 287 -13.62 -11.17 -5.96
C ASP A 287 -13.58 -9.85 -5.17
N MET A 288 -12.76 -8.90 -5.61
CA MET A 288 -12.67 -7.62 -4.91
C MET A 288 -14.01 -6.89 -4.86
N LEU A 289 -14.70 -6.84 -6.00
CA LEU A 289 -15.99 -6.15 -6.05
C LEU A 289 -16.99 -6.79 -5.09
N GLN A 290 -16.92 -8.11 -4.94
CA GLN A 290 -17.84 -8.78 -4.04
C GLN A 290 -17.54 -8.52 -2.57
N GLN A 291 -16.37 -7.97 -2.27
CA GLN A 291 -16.04 -7.65 -0.89
C GLN A 291 -16.86 -6.48 -0.38
N TYR A 292 -17.25 -5.56 -1.25
CA TYR A 292 -18.03 -4.42 -0.80
C TYR A 292 -19.45 -4.87 -0.44
N GLU A 293 -19.82 -4.62 0.79
CA GLU A 293 -21.20 -4.87 1.21
C GLU A 293 -22.12 -3.97 0.39
N LEU A 294 -23.36 -4.39 0.23
CA LEU A 294 -24.32 -3.68 -0.60
C LEU A 294 -24.43 -2.21 -0.24
N ALA A 295 -24.40 -1.91 1.06
CA ALA A 295 -24.51 -0.56 1.56
C ALA A 295 -23.23 0.25 1.38
N ASP A 296 -22.12 -0.41 1.07
CA ASP A 296 -20.78 0.23 1.06
C ASP A 296 -20.47 0.86 -0.30
N THR A 297 -21.40 1.67 -0.79
CA THR A 297 -21.25 2.28 -2.11
C THR A 297 -20.24 3.42 -2.13
N LEU A 298 -19.99 4.06 -0.99
CA LEU A 298 -19.07 5.20 -0.98
C LEU A 298 -17.63 4.71 -1.21
N ARG A 299 -17.23 3.68 -0.49
CA ARG A 299 -15.90 3.15 -0.69
C ARG A 299 -15.79 2.45 -2.04
N ARG A 300 -16.84 1.75 -2.47
CA ARG A 300 -16.78 1.09 -3.77
C ARG A 300 -16.62 2.15 -4.86
N ASN A 301 -17.46 3.18 -4.86
CA ASN A 301 -17.40 4.16 -5.95
C ASN A 301 -16.08 4.92 -5.98
N ALA A 302 -15.51 5.19 -4.80
CA ALA A 302 -14.24 5.91 -4.76
C ALA A 302 -13.07 5.04 -5.20
N THR A 303 -13.30 3.74 -5.31
CA THR A 303 -12.22 2.82 -5.69
C THR A 303 -12.31 2.36 -7.15
N PHE A 304 -13.50 1.96 -7.59
CA PHE A 304 -13.75 1.52 -8.97
C PHE A 304 -14.99 2.18 -9.55
N PHE A 305 -14.94 2.51 -10.83
CA PHE A 305 -16.14 2.89 -11.58
C PHE A 305 -16.98 1.63 -11.80
N THR A 306 -18.30 1.69 -11.61
CA THR A 306 -19.19 0.64 -12.07
C THR A 306 -20.40 1.31 -12.71
N LYS A 307 -21.11 0.56 -13.53
CA LYS A 307 -22.14 1.13 -14.41
C LYS A 307 -23.14 2.00 -13.67
N GLY A 308 -23.31 3.23 -14.16
CA GLY A 308 -24.28 4.15 -13.60
C GLY A 308 -23.79 4.97 -12.41
N SER A 309 -22.59 4.70 -11.91
CA SER A 309 -22.08 5.49 -10.80
C SER A 309 -21.76 6.91 -11.25
N TYR A 310 -22.15 7.86 -10.42
CA TYR A 310 -22.01 9.30 -10.69
C TYR A 310 -20.99 9.96 -9.77
N TYR A 311 -20.18 10.82 -10.37
CA TYR A 311 -19.11 11.54 -9.69
C TYR A 311 -19.28 13.04 -9.93
N SER A 312 -19.67 13.80 -8.91
CA SER A 312 -19.85 15.24 -9.09
C SER A 312 -18.54 15.97 -9.29
N TYR A 313 -17.44 15.32 -8.90
CA TYR A 313 -16.13 15.99 -8.82
C TYR A 313 -15.15 15.56 -9.93
N ILE A 314 -15.68 14.79 -10.89
CA ILE A 314 -14.97 14.41 -12.10
C ILE A 314 -15.76 15.01 -13.28
N CYS A 315 -15.06 15.57 -14.27
CA CYS A 315 -15.72 16.27 -15.38
C CYS A 315 -16.65 17.34 -14.84
N ILE A 316 -16.11 18.15 -13.94
CA ILE A 316 -16.91 19.16 -13.24
C ILE A 316 -17.51 20.18 -14.23
N LYS A 317 -16.75 20.53 -15.27
CA LYS A 317 -17.22 21.46 -16.30
C LYS A 317 -18.34 20.91 -17.17
N ASP A 318 -18.58 19.61 -17.11
CA ASP A 318 -19.66 18.96 -17.85
C ASP A 318 -20.70 18.40 -16.88
N GLY A 319 -20.79 18.99 -15.69
CA GLY A 319 -21.83 18.66 -14.73
C GLY A 319 -21.63 17.35 -13.97
N GLY A 320 -20.38 16.91 -13.91
CA GLY A 320 -20.07 15.64 -13.29
C GLY A 320 -19.98 14.53 -14.32
N TYR A 321 -19.61 13.34 -13.87
CA TYR A 321 -19.35 12.21 -14.75
C TYR A 321 -20.12 10.97 -14.30
N THR A 322 -20.76 10.31 -15.27
CA THR A 322 -21.40 9.03 -15.04
C THR A 322 -20.67 7.99 -15.87
N TYR A 323 -20.23 6.91 -15.24
CA TYR A 323 -19.63 5.80 -15.97
C TYR A 323 -20.72 4.99 -16.65
N LYS A 324 -20.60 4.82 -17.96
CA LYS A 324 -21.66 4.17 -18.75
C LYS A 324 -21.20 2.86 -19.38
N GLY A 325 -19.98 2.45 -19.07
CA GLY A 325 -19.49 1.15 -19.50
C GLY A 325 -20.06 0.02 -18.67
N THR A 326 -19.52 -1.18 -18.87
CA THR A 326 -20.01 -2.38 -18.18
C THR A 326 -18.87 -3.17 -17.57
N ALA A 327 -17.77 -2.48 -17.31
CA ALA A 327 -16.61 -3.09 -16.65
C ALA A 327 -16.40 -2.45 -15.27
N SER A 328 -15.15 -2.40 -14.80
CA SER A 328 -14.89 -1.94 -13.45
C SER A 328 -13.53 -1.23 -13.37
N PRO A 329 -13.32 -0.22 -14.23
CA PRO A 329 -12.00 0.42 -14.24
C PRO A 329 -11.71 1.17 -12.93
N ILE A 330 -10.43 1.44 -12.74
CA ILE A 330 -9.95 2.06 -11.52
C ILE A 330 -10.46 3.52 -11.40
N LYS A 331 -10.98 3.86 -10.22
CA LYS A 331 -11.24 5.25 -9.86
C LYS A 331 -10.19 5.83 -8.90
N LYS A 332 -9.77 5.06 -7.90
CA LYS A 332 -8.77 5.55 -6.97
C LYS A 332 -7.41 5.71 -7.61
N GLY A 333 -6.88 6.93 -7.59
CA GLY A 333 -5.67 7.24 -8.34
C GLY A 333 -5.94 7.92 -9.68
N VAL A 334 -7.22 8.11 -10.01
CA VAL A 334 -7.65 8.72 -11.26
C VAL A 334 -8.43 9.96 -10.84
N PRO A 335 -7.75 11.10 -10.74
CA PRO A 335 -8.33 12.28 -10.08
C PRO A 335 -9.14 13.20 -11.01
N GLY A 336 -9.29 12.79 -12.26
CA GLY A 336 -10.00 13.60 -13.24
C GLY A 336 -9.06 14.37 -14.14
N GLY A 337 -9.60 15.36 -14.82
CA GLY A 337 -8.82 16.19 -15.71
C GLY A 337 -8.12 17.33 -15.00
N PRO A 338 -7.29 18.06 -15.75
CA PRO A 338 -6.56 19.19 -15.19
C PRO A 338 -7.45 20.20 -14.44
N ASP A 339 -8.68 20.41 -14.91
CA ASP A 339 -9.55 21.40 -14.30
C ASP A 339 -10.50 20.88 -13.26
N ASP A 340 -10.41 19.60 -12.92
CA ASP A 340 -11.29 19.01 -11.90
C ASP A 340 -10.72 19.25 -10.49
N ASP A 341 -10.61 20.53 -10.14
CA ASP A 341 -9.98 20.95 -8.88
C ASP A 341 -8.57 20.40 -8.75
N ASN A 342 -7.86 20.26 -9.87
CA ASN A 342 -6.48 19.78 -9.88
C ASN A 342 -5.45 20.85 -10.23
N ASP A 343 -5.90 22.09 -10.36
CA ASP A 343 -5.00 23.25 -10.59
C ASP A 343 -4.12 23.06 -11.82
N GLY A 344 -4.65 22.36 -12.82
CA GLY A 344 -3.95 22.10 -14.06
C GLY A 344 -2.92 21.00 -13.99
N LYS A 345 -2.80 20.34 -12.83
CA LYS A 345 -1.68 19.43 -12.58
C LYS A 345 -1.98 17.98 -12.93
N VAL A 346 -2.55 17.75 -14.11
CA VAL A 346 -2.76 16.40 -14.65
C VAL A 346 -2.18 16.41 -16.05
N LYS A 347 -1.18 15.57 -16.31
CA LYS A 347 -0.59 15.42 -17.64
C LYS A 347 -0.29 13.96 -17.85
N GLN A 348 0.08 13.57 -19.06
CA GLN A 348 0.45 12.19 -19.36
C GLN A 348 1.48 11.72 -18.34
N MET A 349 1.23 10.56 -17.74
CA MET A 349 2.13 9.98 -16.75
C MET A 349 2.49 10.99 -15.66
N ASN A 350 1.51 11.77 -15.21
CA ASN A 350 1.77 12.79 -14.19
C ASN A 350 0.52 13.09 -13.38
N SER A 351 0.42 12.44 -12.23
CA SER A 351 -0.71 12.59 -11.32
C SER A 351 -0.34 13.51 -10.17
N PRO A 352 -1.28 14.36 -9.74
CA PRO A 352 -1.06 15.26 -8.60
C PRO A 352 -1.29 14.60 -7.24
N LEU A 353 -1.73 13.35 -7.21
CA LEU A 353 -2.00 12.70 -5.95
C LEU A 353 -0.75 12.19 -5.27
N ASN A 354 -0.70 12.37 -3.96
CA ASN A 354 0.31 11.68 -3.18
C ASN A 354 0.04 10.18 -3.18
N THR A 355 1.06 9.39 -2.82
CA THR A 355 0.88 7.94 -2.65
C THR A 355 0.92 7.62 -1.17
N TYR A 356 -0.20 7.20 -0.60
CA TYR A 356 -0.26 6.87 0.82
C TYR A 356 0.68 5.74 1.19
N ILE A 357 1.35 5.90 2.33
CA ILE A 357 2.10 4.83 2.98
C ILE A 357 1.34 4.38 4.23
N LEU A 358 0.83 5.34 5.00
CA LEU A 358 0.03 5.05 6.18
C LEU A 358 -1.11 6.05 6.39
N ARG A 359 -2.34 5.55 6.45
CA ARG A 359 -3.50 6.35 6.86
C ARG A 359 -3.92 6.00 8.29
N LEU A 360 -4.55 6.95 8.96
CA LEU A 360 -5.06 6.73 10.32
C LEU A 360 -6.02 5.53 10.38
N ALA A 361 -6.83 5.31 9.33
CA ALA A 361 -7.75 4.18 9.37
C ALA A 361 -7.02 2.85 9.49
N ASP A 362 -5.81 2.77 8.93
CA ASP A 362 -4.98 1.57 9.06
C ASP A 362 -4.66 1.33 10.54
N VAL A 363 -4.30 2.39 11.25
CA VAL A 363 -3.97 2.26 12.66
C VAL A 363 -5.22 1.82 13.44
N TYR A 364 -6.38 2.35 13.08
CA TYR A 364 -7.64 1.91 13.71
C TYR A 364 -7.84 0.42 13.55
N LEU A 365 -7.70 -0.07 12.31
CA LEU A 365 -7.93 -1.48 12.05
C LEU A 365 -6.84 -2.37 12.65
N THR A 366 -5.61 -1.87 12.67
CA THR A 366 -4.50 -2.58 13.32
C THR A 366 -4.73 -2.74 14.82
N TYR A 367 -5.21 -1.68 15.45
CA TYR A 367 -5.53 -1.75 16.87
C TYR A 367 -6.61 -2.82 17.11
N ALA A 368 -7.66 -2.81 16.29
CA ALA A 368 -8.72 -3.81 16.44
C ALA A 368 -8.18 -5.22 16.34
N GLU A 369 -7.33 -5.47 15.35
CA GLU A 369 -6.79 -6.80 15.13
C GLU A 369 -5.89 -7.22 16.29
N ALA A 370 -5.13 -6.27 16.83
CA ALA A 370 -4.26 -6.56 17.97
C ALA A 370 -5.08 -6.83 19.24
N CYS A 371 -6.25 -6.20 19.37
CA CYS A 371 -7.17 -6.51 20.47
C CYS A 371 -7.83 -7.88 20.31
N LEU A 372 -8.21 -8.24 19.08
CA LEU A 372 -8.70 -9.59 18.82
C LEU A 372 -7.67 -10.64 19.29
N GLY A 373 -6.42 -10.43 18.93
CA GLY A 373 -5.34 -11.27 19.43
C GLY A 373 -5.57 -12.72 19.07
N ASN A 374 -5.53 -13.59 20.07
CA ASN A 374 -5.70 -15.02 19.86
C ASN A 374 -7.11 -15.48 20.15
N ASN A 375 -7.99 -14.54 20.46
CA ASN A 375 -9.40 -14.90 20.65
C ASN A 375 -10.12 -15.07 19.32
N SER A 376 -11.18 -15.86 19.30
CA SER A 376 -11.88 -16.11 18.05
C SER A 376 -12.80 -14.94 17.69
N THR A 377 -13.16 -14.14 18.69
CA THR A 377 -14.03 -12.97 18.48
CA THR A 377 -14.03 -12.99 18.49
C THR A 377 -13.62 -11.86 19.43
N LEU A 378 -13.92 -10.63 19.01
CA LEU A 378 -13.74 -9.44 19.82
C LEU A 378 -15.10 -8.76 19.90
N SER A 379 -15.63 -8.59 21.12
CA SER A 379 -17.00 -8.07 21.27
C SER A 379 -17.09 -6.90 22.24
N ASP A 380 -15.95 -6.37 22.64
CA ASP A 380 -15.93 -5.16 23.46
C ASP A 380 -14.60 -4.47 23.34
N GLY A 381 -14.49 -3.33 24.01
CA GLY A 381 -13.23 -2.62 24.11
C GLY A 381 -13.02 -1.56 23.05
N ARG A 382 -11.94 -0.81 23.24
CA ARG A 382 -11.64 0.33 22.38
C ARG A 382 -11.16 -0.10 21.00
N GLY A 383 -10.56 -1.27 20.89
CA GLY A 383 -10.19 -1.79 19.58
C GLY A 383 -11.40 -1.95 18.68
N LEU A 384 -12.48 -2.51 19.22
CA LEU A 384 -13.73 -2.66 18.48
C LEU A 384 -14.31 -1.29 18.13
N TYR A 385 -14.21 -0.34 19.05
CA TYR A 385 -14.67 1.02 18.79
C TYR A 385 -13.98 1.59 17.56
N PHE A 386 -12.67 1.43 17.47
CA PHE A 386 -11.94 2.03 16.36
C PHE A 386 -12.19 1.29 15.05
N PHE A 387 -12.41 -0.01 15.11
CA PHE A 387 -12.89 -0.74 13.94
C PHE A 387 -14.20 -0.12 13.47
N ASN A 388 -15.09 0.12 14.42
CA ASN A 388 -16.41 0.64 14.08
C ASN A 388 -16.41 2.09 13.63
N ARG A 389 -15.36 2.85 13.96
CA ARG A 389 -15.21 4.20 13.41
C ARG A 389 -14.96 4.12 11.90
N VAL A 390 -14.22 3.09 11.46
CA VAL A 390 -13.98 2.91 10.03
C VAL A 390 -15.31 2.58 9.31
N ARG A 391 -16.09 1.69 9.91
CA ARG A 391 -17.43 1.36 9.39
C ARG A 391 -18.31 2.62 9.33
N GLU A 392 -18.34 3.36 10.43
CA GLU A 392 -19.16 4.56 10.55
C GLU A 392 -18.78 5.60 9.49
N ARG A 393 -17.48 5.79 9.25
CA ARG A 393 -17.06 6.75 8.25
C ARG A 393 -17.52 6.35 6.85
N ALA A 394 -17.56 5.05 6.59
CA ALA A 394 -18.07 4.51 5.34
C ALA A 394 -19.60 4.55 5.25
N LYS A 395 -20.25 4.97 6.35
CA LYS A 395 -21.70 5.09 6.46
C LYS A 395 -22.40 3.73 6.34
N ILE A 396 -21.78 2.68 6.86
CA ILE A 396 -22.39 1.38 6.98
C ILE A 396 -22.49 0.94 8.44
N ASN A 397 -23.23 -0.14 8.67
CA ASN A 397 -23.53 -0.56 10.03
C ASN A 397 -22.31 -0.95 10.83
N LYS A 398 -22.33 -0.62 12.11
CA LYS A 398 -21.32 -1.10 13.03
C LYS A 398 -21.55 -2.57 13.35
N LYS A 399 -20.50 -3.26 13.76
CA LYS A 399 -20.57 -4.66 14.15
C LYS A 399 -20.44 -4.78 15.66
N SER A 400 -21.27 -5.64 16.26
CA SER A 400 -21.25 -5.85 17.71
C SER A 400 -20.16 -6.82 18.12
N SER A 401 -19.62 -7.55 17.15
CA SER A 401 -18.48 -8.43 17.38
C SER A 401 -17.75 -8.63 16.06
N ILE A 402 -16.44 -8.82 16.12
CA ILE A 402 -15.65 -9.08 14.92
C ILE A 402 -14.77 -10.30 15.07
N THR A 403 -14.50 -10.94 13.94
CA THR A 403 -13.54 -12.00 13.84
C THR A 403 -12.42 -11.59 12.88
N LEU A 404 -11.41 -12.45 12.74
CA LEU A 404 -10.35 -12.17 11.78
C LEU A 404 -10.92 -12.04 10.37
N ASP A 405 -11.94 -12.84 10.04
CA ASP A 405 -12.54 -12.74 8.72
C ASP A 405 -13.17 -11.37 8.48
N ASP A 406 -13.75 -10.77 9.50
CA ASP A 406 -14.31 -9.43 9.38
C ASP A 406 -13.20 -8.42 9.14
N ILE A 407 -12.06 -8.61 9.80
CA ILE A 407 -10.93 -7.69 9.65
C ILE A 407 -10.32 -7.79 8.25
N ILE A 408 -10.19 -9.02 7.73
CA ILE A 408 -9.65 -9.20 6.39
C ILE A 408 -10.52 -8.46 5.38
N ARG A 409 -11.85 -8.63 5.47
CA ARG A 409 -12.74 -8.01 4.52
C ARG A 409 -12.69 -6.50 4.65
N GLU A 410 -12.68 -6.02 5.89
CA GLU A 410 -12.70 -4.59 6.14
C GLU A 410 -11.45 -3.92 5.61
N ARG A 411 -10.29 -4.55 5.80
CA ARG A 411 -9.06 -3.99 5.28
C ARG A 411 -9.06 -3.98 3.75
N ARG A 412 -9.52 -5.05 3.12
CA ARG A 412 -9.54 -5.06 1.65
C ARG A 412 -10.34 -3.89 1.10
N VAL A 413 -11.54 -3.65 1.66
CA VAL A 413 -12.39 -2.58 1.14
C VAL A 413 -11.92 -1.19 1.57
N GLU A 414 -11.31 -1.07 2.72
CA GLU A 414 -10.78 0.23 3.13
C GLU A 414 -9.59 0.63 2.26
N PHE A 415 -8.78 -0.35 1.85
CA PHE A 415 -7.49 -0.04 1.22
C PHE A 415 -7.35 -0.49 -0.23
N GLY A 416 -8.47 -0.82 -0.87
CA GLY A 416 -8.42 -1.22 -2.27
C GLY A 416 -7.74 -0.19 -3.14
N MET A 417 -6.87 -0.66 -4.03
CA MET A 417 -6.14 0.22 -4.97
C MET A 417 -5.25 1.23 -4.27
N GLU A 418 -4.80 0.92 -3.05
CA GLU A 418 -3.77 1.71 -2.36
C GLU A 418 -2.45 0.94 -2.26
N TYR A 419 -2.36 -0.18 -2.97
CA TYR A 419 -1.09 -0.90 -3.10
C TYR A 419 -0.59 -1.41 -1.76
N SER A 420 -1.51 -1.80 -0.89
CA SER A 420 -1.19 -2.27 0.45
C SER A 420 -1.75 -3.66 0.77
N ASN A 421 -2.83 -4.07 0.12
CA ASN A 421 -3.50 -5.29 0.52
C ASN A 421 -2.61 -6.52 0.40
N TRP A 422 -1.72 -6.59 -0.59
CA TRP A 422 -0.91 -7.79 -0.73
C TRP A 422 0.00 -7.98 0.47
N TYR A 423 0.61 -6.89 0.94
CA TYR A 423 1.53 -6.99 2.07
C TYR A 423 0.83 -7.53 3.30
N ASP A 424 -0.42 -7.10 3.51
CA ASP A 424 -1.21 -7.60 4.61
C ASP A 424 -1.52 -9.10 4.43
N MET A 425 -1.79 -9.52 3.20
CA MET A 425 -2.05 -10.93 2.93
C MET A 425 -0.82 -11.80 3.19
N VAL A 426 0.39 -11.31 2.89
CA VAL A 426 1.59 -12.07 3.20
C VAL A 426 1.76 -12.22 4.72
N THR A 427 1.53 -11.14 5.46
CA THR A 427 1.56 -11.21 6.91
C THR A 427 0.59 -12.28 7.44
N TRP A 428 -0.62 -12.28 6.94
CA TRP A 428 -1.60 -13.29 7.36
C TRP A 428 -1.15 -14.70 6.96
N PHE A 429 -0.54 -14.86 5.78
CA PHE A 429 -0.04 -16.15 5.34
C PHE A 429 1.07 -16.68 6.24
N ARG A 430 1.90 -15.78 6.74
CA ARG A 430 2.96 -16.20 7.64
C ARG A 430 2.43 -16.62 9.01
N TYR A 431 1.22 -16.19 9.33
CA TYR A 431 0.53 -16.52 10.58
C TYR A 431 -0.34 -17.79 10.48
N LEU A 432 -1.23 -17.82 9.48
CA LEU A 432 -2.15 -18.94 9.26
C LEU A 432 -2.03 -19.37 7.80
N PRO A 433 -0.95 -20.09 7.47
CA PRO A 433 -0.72 -20.40 6.05
C PRO A 433 -1.79 -21.26 5.40
N ASP A 434 -2.31 -22.25 6.09
CA ASP A 434 -3.31 -23.11 5.48
C ASP A 434 -4.59 -22.31 5.21
N LYS A 435 -5.03 -21.51 6.17
CA LYS A 435 -6.19 -20.67 5.94
C LYS A 435 -5.98 -19.77 4.73
N MET A 436 -4.84 -19.10 4.67
CA MET A 436 -4.64 -18.14 3.59
C MET A 436 -4.41 -18.77 2.22
N LEU A 437 -3.78 -19.94 2.14
CA LEU A 437 -3.68 -20.61 0.86
C LEU A 437 -5.08 -20.98 0.35
N ASN A 438 -5.94 -21.44 1.25
CA ASN A 438 -7.32 -21.74 0.86
C ASN A 438 -8.02 -20.47 0.39
N TYR A 439 -7.80 -19.37 1.12
CA TYR A 439 -8.35 -18.08 0.75
C TYR A 439 -7.88 -17.69 -0.67
N PHE A 440 -6.58 -17.75 -0.93
CA PHE A 440 -6.06 -17.32 -2.24
C PHE A 440 -6.62 -18.16 -3.38
N ASN A 441 -6.76 -19.46 -3.15
CA ASN A 441 -7.30 -20.38 -4.14
C ASN A 441 -8.80 -20.23 -4.35
N ASN A 442 -9.46 -19.49 -3.47
CA ASN A 442 -10.88 -19.24 -3.60
C ASN A 442 -11.22 -17.83 -4.03
N GLN A 443 -10.23 -17.10 -4.54
CA GLN A 443 -10.43 -15.73 -5.02
C GLN A 443 -10.78 -15.66 -6.50
N TRP A 444 -10.81 -16.80 -7.17
CA TRP A 444 -11.12 -16.86 -8.61
C TRP A 444 -10.16 -15.96 -9.38
N ARG A 445 -8.90 -16.03 -9.04
CA ARG A 445 -7.90 -15.18 -9.66
C ARG A 445 -7.78 -15.48 -11.15
N GLY A 446 -7.82 -14.41 -11.95
CA GLY A 446 -7.72 -14.55 -13.40
C GLY A 446 -9.05 -14.69 -14.11
N TYR A 447 -10.11 -14.98 -13.36
CA TYR A 447 -11.45 -14.93 -13.92
C TYR A 447 -11.90 -13.49 -13.99
N ARG A 448 -12.51 -13.12 -15.11
CA ARG A 448 -13.03 -11.78 -15.31
C ARG A 448 -14.28 -11.97 -16.15
N THR A 449 -15.03 -10.91 -16.41
CA THR A 449 -16.29 -11.09 -17.11
C THR A 449 -16.61 -9.82 -17.89
N ASP A 450 -17.35 -9.99 -18.99
CA ASP A 450 -17.58 -8.91 -19.94
C ASP A 450 -18.48 -7.82 -19.41
N ALA A 451 -19.48 -8.19 -18.62
CA ALA A 451 -20.48 -7.23 -18.18
C ALA A 451 -20.79 -7.33 -16.70
N ILE A 452 -20.68 -6.19 -16.05
CA ILE A 452 -21.08 -6.02 -14.67
C ILE A 452 -22.12 -4.92 -14.66
N ILE A 453 -23.33 -5.23 -14.22
CA ILE A 453 -24.43 -4.27 -14.22
C ILE A 453 -25.12 -4.26 -12.87
N LYS A 454 -26.02 -3.30 -12.66
CA LYS A 454 -26.77 -3.20 -11.41
C LYS A 454 -28.25 -3.40 -11.57
N ASP A 455 -28.88 -3.94 -10.54
CA ASP A 455 -30.34 -4.01 -10.47
C ASP A 455 -30.91 -2.79 -9.75
N GLU A 456 -32.24 -2.75 -9.63
CA GLU A 456 -32.94 -1.63 -9.01
C GLU A 456 -32.42 -1.32 -7.62
N ASP A 457 -32.03 -2.35 -6.89
CA ASP A 457 -31.55 -2.18 -5.52
C ASP A 457 -30.06 -1.84 -5.47
N GLY A 458 -29.46 -1.68 -6.64
CA GLY A 458 -28.05 -1.29 -6.74
C GLY A 458 -27.07 -2.43 -6.55
N LYS A 459 -27.57 -3.66 -6.57
CA LYS A 459 -26.70 -4.81 -6.39
C LYS A 459 -26.00 -5.14 -7.70
N LEU A 460 -24.74 -5.55 -7.61
CA LEU A 460 -23.96 -5.90 -8.79
C LEU A 460 -24.29 -7.29 -9.31
N HIS A 461 -24.35 -7.42 -10.64
CA HIS A 461 -24.57 -8.71 -11.29
C HIS A 461 -23.47 -8.91 -12.32
N PHE A 462 -22.97 -10.14 -12.39
CA PHE A 462 -21.77 -10.48 -13.16
C PHE A 462 -22.12 -11.47 -14.26
N GLY A 463 -21.69 -11.18 -15.49
CA GLY A 463 -21.94 -12.06 -16.60
C GLY A 463 -21.46 -11.46 -17.91
N LYS A 464 -22.28 -11.58 -18.96
CA LYS A 464 -21.91 -11.07 -20.27
C LYS A 464 -23.17 -10.73 -21.04
N TYR A 465 -23.00 -10.08 -22.18
CA TYR A 465 -24.12 -9.88 -23.09
C TYR A 465 -24.15 -10.97 -24.16
N ASP A 466 -25.34 -11.23 -24.70
CA ASP A 466 -25.49 -12.16 -25.82
C ASP A 466 -24.93 -11.47 -27.05
N THR A 467 -25.05 -12.13 -28.20
CA THR A 467 -24.55 -11.56 -29.46
C THR A 467 -25.07 -10.15 -29.72
N ASP A 468 -26.29 -9.86 -29.25
CA ASP A 468 -26.91 -8.55 -29.47
C ASP A 468 -26.30 -7.41 -28.63
N GLY A 469 -25.46 -7.77 -27.68
CA GLY A 469 -24.80 -6.77 -26.84
C GLY A 469 -25.73 -6.04 -25.88
N THR A 470 -26.96 -6.53 -25.74
CA THR A 470 -27.96 -5.88 -24.89
C THR A 470 -28.64 -6.85 -23.92
N THR A 471 -28.72 -8.12 -24.30
CA THR A 471 -29.34 -9.13 -23.47
C THR A 471 -28.32 -9.72 -22.49
N PHE A 472 -28.55 -9.45 -21.21
CA PHE A 472 -27.60 -9.85 -20.18
C PHE A 472 -27.76 -11.32 -19.81
N LEU A 473 -26.62 -12.03 -19.77
CA LEU A 473 -26.57 -13.43 -19.35
C LEU A 473 -25.75 -13.52 -18.08
N GLU A 474 -26.38 -13.99 -17.01
CA GLU A 474 -25.80 -13.90 -15.67
C GLU A 474 -25.15 -15.18 -15.16
N GLY A 475 -23.99 -15.03 -14.52
CA GLY A 475 -23.44 -16.09 -13.69
C GLY A 475 -22.09 -16.60 -14.13
N PRO A 476 -21.42 -17.40 -13.28
CA PRO A 476 -20.06 -17.88 -13.52
C PRO A 476 -19.84 -18.65 -14.81
N GLU A 477 -20.88 -19.26 -15.36
CA GLU A 477 -20.72 -19.98 -16.61
C GLU A 477 -20.38 -19.02 -17.75
N TYR A 478 -20.65 -17.73 -17.54
CA TYR A 478 -20.40 -16.72 -18.56
C TYR A 478 -19.14 -15.89 -18.31
N TYR A 479 -18.42 -16.20 -17.23
CA TYR A 479 -17.14 -15.55 -16.98
C TYR A 479 -16.12 -16.03 -17.99
N THR A 480 -15.10 -15.20 -18.21
CA THR A 480 -13.94 -15.60 -19.01
C THR A 480 -12.95 -16.24 -18.05
N ALA A 481 -12.70 -17.54 -18.22
CA ALA A 481 -11.74 -18.23 -17.36
C ALA A 481 -10.30 -17.94 -17.80
N PRO A 482 -9.37 -17.98 -16.86
CA PRO A 482 -7.97 -17.76 -17.21
C PRO A 482 -7.39 -18.91 -18.03
N GLU A 483 -6.32 -18.65 -18.77
CA GLU A 483 -5.66 -19.69 -19.56
C GLU A 483 -5.28 -20.85 -18.65
N PHE A 484 -4.75 -20.50 -17.49
CA PHE A 484 -4.32 -21.48 -16.51
C PHE A 484 -4.71 -21.06 -15.11
N THR A 485 -5.28 -22.00 -14.36
CA THR A 485 -5.48 -21.83 -12.94
C THR A 485 -4.43 -22.67 -12.20
N ILE A 486 -3.55 -21.97 -11.51
CA ILE A 486 -2.50 -22.59 -10.72
C ILE A 486 -3.05 -22.88 -9.33
N ASN A 487 -2.74 -24.06 -8.79
CA ASN A 487 -2.98 -24.35 -7.38
C ASN A 487 -1.92 -23.60 -6.56
N ILE A 488 -2.36 -22.61 -5.82
CA ILE A 488 -1.45 -21.71 -5.11
C ILE A 488 -0.99 -22.42 -3.85
N GLU A 489 0.34 -22.53 -3.72
CA GLU A 489 0.97 -23.23 -2.61
C GLU A 489 1.93 -22.31 -1.85
N ALA A 490 2.46 -22.80 -0.74
CA ALA A 490 3.33 -21.99 0.10
C ALA A 490 4.52 -21.43 -0.69
N GLU A 491 5.11 -22.24 -1.56
CA GLU A 491 6.27 -21.83 -2.32
C GLU A 491 5.98 -20.68 -3.30
N ASP A 492 4.71 -20.43 -3.60
CA ASP A 492 4.33 -19.38 -4.54
C ASP A 492 4.26 -17.99 -3.93
N ILE A 493 4.18 -17.90 -2.62
CA ILE A 493 3.77 -16.65 -2.01
C ILE A 493 4.86 -15.58 -2.07
N PHE A 494 6.06 -15.88 -1.58
CA PHE A 494 7.17 -14.96 -1.66
C PHE A 494 7.74 -15.00 -3.06
N LEU A 495 8.09 -13.82 -3.59
CA LEU A 495 8.58 -13.67 -4.95
C LEU A 495 10.06 -14.01 -5.07
N PRO A 496 10.51 -14.40 -6.26
CA PRO A 496 11.93 -14.73 -6.46
C PRO A 496 12.78 -13.46 -6.47
N TYR A 497 14.06 -13.61 -6.11
CA TYR A 497 15.00 -12.49 -6.23
C TYR A 497 15.17 -12.17 -7.71
N PRO A 498 15.36 -10.90 -8.06
CA PRO A 498 15.42 -10.55 -9.48
C PRO A 498 16.65 -11.17 -10.13
N GLU A 499 16.47 -11.77 -11.31
CA GLU A 499 17.53 -12.55 -11.94
C GLU A 499 18.81 -11.74 -12.14
N SER A 500 18.69 -10.49 -12.58
CA SER A 500 19.87 -9.68 -12.84
C SER A 500 20.67 -9.45 -11.56
N ASP A 501 19.96 -9.30 -10.43
CA ASP A 501 20.61 -9.09 -9.14
C ASP A 501 21.26 -10.38 -8.65
N VAL A 502 20.64 -11.52 -8.91
CA VAL A 502 21.23 -12.81 -8.53
C VAL A 502 22.52 -13.09 -9.32
N ILE A 503 22.55 -12.68 -10.59
CA ILE A 503 23.76 -12.83 -11.40
C ILE A 503 24.90 -12.02 -10.78
N GLN A 504 24.62 -10.80 -10.36
CA GLN A 504 25.62 -9.93 -9.75
C GLN A 504 26.00 -10.38 -8.34
N ASN A 505 25.05 -10.96 -7.61
CA ASN A 505 25.30 -11.40 -6.24
C ASN A 505 24.76 -12.82 -6.02
N PRO A 506 25.58 -13.83 -6.30
CA PRO A 506 25.10 -15.21 -6.16
C PRO A 506 24.69 -15.61 -4.74
N LEU A 507 25.01 -14.80 -3.74
CA LEU A 507 24.61 -15.15 -2.38
C LEU A 507 23.11 -14.96 -2.19
N LEU A 508 22.44 -14.31 -3.15
CA LEU A 508 20.99 -14.23 -3.12
C LEU A 508 20.36 -15.63 -3.28
N ASN A 509 21.14 -16.59 -3.77
CA ASN A 509 20.70 -17.99 -3.87
C ASN A 509 21.17 -18.87 -2.71
N GLU A 510 21.78 -18.27 -1.70
CA GLU A 510 22.33 -19.00 -0.57
C GLU A 510 21.56 -18.66 0.69
N PRO A 511 21.72 -19.48 1.74
CA PRO A 511 20.95 -19.27 2.96
C PRO A 511 21.22 -17.92 3.61
N PRO A 512 20.22 -17.31 4.25
CA PRO A 512 20.49 -16.09 5.02
C PRO A 512 21.29 -16.37 6.29
N VAL A 513 21.97 -15.33 6.74
CA VAL A 513 22.86 -15.43 7.89
C VAL A 513 22.49 -14.36 8.90
N PRO A 514 22.96 -14.51 10.13
CA PRO A 514 22.63 -13.48 11.13
C PRO A 514 23.26 -12.13 10.81
N TYR A 515 22.54 -11.08 11.15
CA TYR A 515 23.07 -9.71 11.03
C TYR A 515 23.86 -9.34 12.28
N THR A 516 24.96 -8.62 12.09
CA THR A 516 25.68 -8.05 13.22
C THR A 516 25.14 -6.66 13.54
N PHE A 517 24.34 -6.58 14.59
CA PHE A 517 23.70 -5.34 14.98
C PHE A 517 24.70 -4.40 15.62
N ASN A 518 24.47 -3.11 15.41
CA ASN A 518 25.30 -2.04 15.95
C ASN A 518 24.64 -1.34 17.14
N GLU A 519 23.54 -1.92 17.62
CA GLU A 519 22.86 -1.41 18.80
C GLU A 519 21.99 -2.51 19.37
#